data_2PXW
#
_entry.id   2PXW
#
_cell.length_a   102.204
_cell.length_b   102.204
_cell.length_c   269.375
_cell.angle_alpha   90.000
_cell.angle_beta   90.000
_cell.angle_gamma   120.000
#
_symmetry.space_group_name_H-M   'P 62 2 2'
#
loop_
_entity.id
_entity.type
_entity.pdbx_description
1 polymer 'GFP-like fluorescent chromoprotein FP506'
2 water water
#
_entity_poly.entity_id   1
_entity_poly.type   'polypeptide(L)'
_entity_poly.pdbx_seq_one_letter_code
;SKHGLTKEMTMKYRMEGCVDGHKFVITGEGIGYPFKGKQAINLCVVEGGPLPFAEDILSAAF(DYG)NRVFTEYPQDIVD
YFKNSCPAGYTWDRSFLFEDGAVCICNADITVSVEENCMYHESKFYGVNFPADGPVMKKMTDNWEPSCEKIIPVPKQGIL
KGDVSMYLLLKDGGRLRCQFDTVYKAKSVPRKMPDWHFIQHKLTREDRSDAKNQKWHLTEHAIASGSALP
;
_entity_poly.pdbx_strand_id   A,B
#
# COMPACT_ATOMS: atom_id res chain seq x y z
N SER A 1 1.78 -11.28 1.31
CA SER A 1 1.81 -9.85 1.04
C SER A 1 1.08 -9.03 2.11
N LYS A 2 1.64 -9.06 3.31
CA LYS A 2 1.61 -7.93 4.26
C LYS A 2 1.93 -6.64 3.47
N HIS A 3 0.94 -5.77 3.25
CA HIS A 3 1.10 -4.50 2.52
C HIS A 3 1.65 -4.57 1.10
N GLY A 4 1.51 -5.73 0.48
CA GLY A 4 2.05 -5.96 -0.85
C GLY A 4 3.49 -6.43 -0.78
N LEU A 5 3.96 -6.77 0.41
CA LEU A 5 5.36 -7.08 0.63
C LEU A 5 5.56 -8.54 0.97
N THR A 6 6.65 -9.12 0.50
CA THR A 6 6.98 -10.47 0.90
C THR A 6 8.37 -10.41 1.53
N LYS A 7 8.77 -11.51 2.15
CA LYS A 7 10.02 -11.66 2.89
C LYS A 7 11.31 -11.33 2.08
N GLU A 8 11.25 -11.58 0.79
CA GLU A 8 12.36 -11.35 -0.07
C GLU A 8 11.81 -10.79 -1.38
N MET A 9 12.37 -9.63 -1.78
CA MET A 9 11.84 -8.91 -2.93
C MET A 9 12.98 -8.55 -3.85
N THR A 10 12.66 -8.33 -5.13
CA THR A 10 13.61 -7.74 -6.02
C THR A 10 13.33 -6.24 -6.11
N MET A 11 14.33 -5.50 -6.59
CA MET A 11 14.30 -4.04 -6.65
C MET A 11 14.85 -3.59 -7.97
N LYS A 12 14.22 -2.58 -8.56
CA LYS A 12 14.74 -1.93 -9.73
C LYS A 12 14.91 -0.43 -9.47
N TYR A 13 15.99 0.15 -10.03
CA TYR A 13 16.37 1.55 -9.81
C TYR A 13 16.64 2.30 -11.08
N ARG A 14 16.24 3.56 -11.08
CA ARG A 14 16.72 4.52 -12.07
C ARG A 14 16.97 5.84 -11.37
N MET A 15 18.14 6.42 -11.64
CA MET A 15 18.53 7.73 -11.13
C MET A 15 18.99 8.62 -12.29
N GLU A 16 18.49 9.85 -12.32
CA GLU A 16 19.02 10.92 -13.14
C GLU A 16 19.60 11.94 -12.21
N GLY A 17 20.76 12.47 -12.56
CA GLY A 17 21.36 13.47 -11.70
C GLY A 17 22.28 14.44 -12.40
N CYS A 18 22.82 15.35 -11.61
CA CYS A 18 23.75 16.34 -12.10
C CYS A 18 24.57 16.79 -10.90
N VAL A 19 25.88 16.60 -10.99
CA VAL A 19 26.78 17.00 -9.94
C VAL A 19 27.93 17.88 -10.51
N ASP A 20 28.07 19.10 -9.97
CA ASP A 20 29.04 20.09 -10.49
C ASP A 20 28.98 20.22 -12.02
N GLY A 21 27.77 20.22 -12.60
CA GLY A 21 27.62 20.37 -14.06
C GLY A 21 27.65 19.08 -14.85
N HIS A 22 28.16 17.98 -14.25
CA HIS A 22 28.15 16.66 -14.88
C HIS A 22 26.84 15.81 -14.75
N LYS A 23 26.13 15.63 -15.87
CA LYS A 23 24.91 14.83 -15.93
C LYS A 23 25.13 13.33 -16.04
N PHE A 24 24.25 12.56 -15.42
CA PHE A 24 24.41 11.10 -15.44
C PHE A 24 23.08 10.41 -15.31
N VAL A 25 23.03 9.16 -15.78
CA VAL A 25 21.94 8.23 -15.48
C VAL A 25 22.53 6.93 -14.93
N ILE A 26 22.02 6.47 -13.79
CA ILE A 26 22.40 5.18 -13.23
C ILE A 26 21.17 4.27 -13.15
N THR A 27 21.33 3.01 -13.57
CA THR A 27 20.32 1.99 -13.28
C THR A 27 20.84 0.97 -12.30
N GLY A 28 19.91 0.21 -11.72
CA GLY A 28 20.30 -0.80 -10.75
C GLY A 28 19.27 -1.89 -10.60
N GLU A 29 19.66 -2.97 -9.96
CA GLU A 29 18.79 -4.05 -9.65
C GLU A 29 19.31 -4.62 -8.34
N GLY A 30 18.40 -5.10 -7.47
CA GLY A 30 18.85 -5.76 -6.23
C GLY A 30 17.88 -6.76 -5.61
N ILE A 31 18.27 -7.29 -4.44
CA ILE A 31 17.47 -8.22 -3.69
C ILE A 31 17.41 -7.64 -2.29
N GLY A 32 16.24 -7.70 -1.66
CA GLY A 32 16.12 -7.19 -0.32
C GLY A 32 15.14 -7.91 0.59
N TYR A 33 15.34 -7.74 1.89
CA TYR A 33 14.57 -8.41 2.91
C TYR A 33 13.90 -7.35 3.76
N PRO A 34 12.69 -6.90 3.36
CA PRO A 34 12.02 -5.79 4.05
C PRO A 34 12.01 -5.88 5.57
N PHE A 35 11.66 -7.07 6.10
CA PHE A 35 11.48 -7.28 7.57
C PHE A 35 12.77 -7.50 8.32
N LYS A 36 13.85 -7.78 7.59
CA LYS A 36 15.19 -7.87 8.19
C LYS A 36 15.95 -6.52 8.12
N GLY A 37 15.47 -5.62 7.26
CA GLY A 37 16.15 -4.35 7.01
C GLY A 37 17.45 -4.48 6.21
N LYS A 38 17.46 -5.42 5.25
CA LYS A 38 18.68 -5.72 4.48
C LYS A 38 18.42 -5.65 3.02
N GLN A 39 19.38 -5.09 2.31
CA GLN A 39 19.28 -4.98 0.86
C GLN A 39 20.66 -4.97 0.26
N ALA A 40 20.78 -5.52 -0.94
CA ALA A 40 22.01 -5.48 -1.67
C ALA A 40 21.70 -5.14 -3.10
N ILE A 41 22.39 -4.16 -3.65
CA ILE A 41 22.09 -3.76 -5.00
C ILE A 41 23.27 -3.51 -5.91
N ASN A 42 23.02 -3.61 -7.20
CA ASN A 42 24.06 -3.45 -8.18
C ASN A 42 23.75 -2.31 -9.13
N LEU A 43 24.63 -1.33 -9.14
CA LEU A 43 24.36 -0.10 -9.85
C LEU A 43 25.19 -0.11 -11.11
N CYS A 44 24.70 0.54 -12.15
CA CYS A 44 25.40 0.54 -13.39
C CYS A 44 25.25 1.91 -14.03
N VAL A 45 26.38 2.56 -14.39
CA VAL A 45 26.30 3.88 -14.97
C VAL A 45 25.96 3.77 -16.44
N VAL A 46 24.85 4.36 -16.82
CA VAL A 46 24.30 4.14 -18.13
C VAL A 46 24.48 5.39 -19.03
N GLU A 47 24.55 6.58 -18.45
CA GLU A 47 25.04 7.74 -19.20
C GLU A 47 25.92 8.56 -18.31
N GLY A 48 26.85 9.28 -18.94
CA GLY A 48 27.80 10.15 -18.25
C GLY A 48 28.85 9.43 -17.44
N GLY A 49 29.05 8.13 -17.64
CA GLY A 49 30.18 7.42 -16.97
C GLY A 49 31.50 7.52 -17.73
N PRO A 50 32.65 7.38 -17.06
CA PRO A 50 32.86 7.23 -15.62
C PRO A 50 32.52 8.56 -14.89
N LEU A 51 31.97 8.46 -13.69
CA LEU A 51 31.56 9.62 -12.95
C LEU A 51 32.83 10.31 -12.49
N PRO A 52 32.81 11.66 -12.48
CA PRO A 52 33.93 12.41 -11.92
C PRO A 52 33.92 12.56 -10.41
N PHE A 53 33.01 11.86 -9.71
CA PHE A 53 32.89 12.06 -8.26
C PHE A 53 32.79 10.72 -7.55
N ALA A 54 33.08 10.68 -6.24
CA ALA A 54 32.93 9.48 -5.46
C ALA A 54 31.52 8.79 -5.54
N GLU A 55 31.48 7.51 -5.89
CA GLU A 55 30.25 6.69 -5.83
C GLU A 55 29.54 6.85 -4.47
N ASP A 56 30.34 6.97 -3.44
CA ASP A 56 29.86 7.13 -2.09
C ASP A 56 28.81 8.21 -1.86
N ILE A 57 28.82 9.33 -2.62
CA ILE A 57 27.85 10.39 -2.37
C ILE A 57 26.41 9.93 -2.72
N LEU A 58 26.30 8.99 -3.66
CA LEU A 58 25.02 8.50 -4.10
C LEU A 58 24.43 7.43 -3.18
N SER A 59 25.17 6.98 -2.16
CA SER A 59 24.79 5.79 -1.39
C SER A 59 23.45 5.89 -0.65
N ALA A 60 23.31 6.92 0.20
CA ALA A 60 22.07 7.18 0.91
C ALA A 60 20.92 7.58 -0.05
N ALA A 61 21.22 7.86 -1.31
CA ALA A 61 20.17 8.18 -2.25
C ALA A 61 19.53 6.90 -2.77
N PHE A 62 20.34 5.85 -2.98
CA PHE A 62 19.83 4.55 -3.39
C PHE A 62 19.23 3.81 -2.21
N ASN A 64 15.50 3.74 0.80
CA ASN A 64 14.21 3.04 0.84
C ASN A 64 14.00 2.47 2.24
N ARG A 65 13.30 3.25 3.04
CA ARG A 65 13.11 2.93 4.42
C ARG A 65 12.13 1.75 4.61
N VAL A 66 11.56 1.21 3.54
CA VAL A 66 10.86 -0.06 3.59
C VAL A 66 11.81 -1.15 4.11
N PHE A 67 13.09 -1.01 3.80
CA PHE A 67 14.10 -1.93 4.30
C PHE A 67 14.68 -1.48 5.61
N THR A 68 13.89 -1.62 6.65
CA THR A 68 14.29 -1.33 8.02
C THR A 68 13.60 -2.39 8.87
N GLU A 69 14.31 -2.94 9.83
CA GLU A 69 13.70 -3.82 10.79
C GLU A 69 12.97 -3.00 11.87
N TYR A 70 11.65 -3.11 11.90
CA TYR A 70 10.86 -2.40 12.89
C TYR A 70 10.39 -3.36 13.98
N PRO A 71 10.61 -3.05 15.23
CA PRO A 71 9.90 -3.74 16.30
C PRO A 71 8.40 -3.53 16.19
N GLN A 72 7.61 -4.52 16.57
CA GLN A 72 6.16 -4.49 16.44
C GLN A 72 5.55 -3.32 17.18
N ASP A 73 6.19 -2.95 18.29
CA ASP A 73 5.79 -1.77 19.03
C ASP A 73 6.18 -0.37 18.54
N ILE A 74 6.68 -0.23 17.31
CA ILE A 74 6.81 1.11 16.75
C ILE A 74 6.04 1.07 15.45
N VAL A 75 5.18 2.05 15.20
CA VAL A 75 4.51 2.08 13.89
C VAL A 75 5.54 2.15 12.76
N ASP A 76 5.40 1.27 11.79
CA ASP A 76 6.24 1.21 10.60
C ASP A 76 5.55 1.99 9.46
N TYR A 77 5.82 3.29 9.39
CA TYR A 77 5.24 4.27 8.47
C TYR A 77 5.50 3.91 7.03
N PHE A 78 6.63 3.27 6.79
CA PHE A 78 7.09 2.95 5.45
C PHE A 78 6.42 1.71 4.82
N LYS A 79 6.45 0.60 5.54
CA LYS A 79 5.70 -0.58 5.10
C LYS A 79 4.21 -0.27 5.06
N ASN A 80 3.70 0.53 6.01
CA ASN A 80 2.26 0.86 6.01
C ASN A 80 1.83 1.63 4.79
N SER A 81 2.78 2.31 4.12
CA SER A 81 2.48 3.11 2.93
C SER A 81 2.44 2.23 1.67
N CYS A 82 2.90 1.00 1.79
CA CYS A 82 2.87 0.11 0.64
C CYS A 82 1.48 -0.58 0.38
N PRO A 83 1.20 -0.99 -0.87
CA PRO A 83 2.11 -0.95 -2.03
C PRO A 83 2.33 0.40 -2.74
N ALA A 84 1.40 1.35 -2.61
CA ALA A 84 1.49 2.63 -3.35
C ALA A 84 2.87 3.29 -3.11
N GLY A 85 3.26 3.35 -1.85
CA GLY A 85 4.57 3.77 -1.43
C GLY A 85 4.64 5.15 -0.79
N TYR A 86 5.81 5.76 -0.92
CA TYR A 86 6.14 7.02 -0.28
C TYR A 86 7.21 7.74 -1.13
N THR A 87 7.34 9.03 -0.91
CA THR A 87 8.37 9.80 -1.57
C THR A 87 9.18 10.42 -0.43
N TRP A 88 10.44 10.80 -0.73
CA TRP A 88 11.27 11.49 0.25
C TRP A 88 12.14 12.54 -0.43
N ASP A 89 12.47 13.58 0.32
CA ASP A 89 13.26 14.70 -0.15
C ASP A 89 14.36 14.88 0.88
N ARG A 90 15.59 15.11 0.47
CA ARG A 90 16.68 15.23 1.43
C ARG A 90 17.68 16.29 0.91
N SER A 91 18.19 17.08 1.84
CA SER A 91 19.33 17.93 1.60
C SER A 91 20.55 17.30 2.28
N PHE A 92 21.70 17.37 1.58
CA PHE A 92 23.01 16.98 2.13
C PHE A 92 23.83 18.25 2.29
N LEU A 93 24.18 18.64 3.51
CA LEU A 93 25.02 19.80 3.74
C LEU A 93 26.43 19.39 4.17
N PHE A 94 27.37 19.36 3.22
CA PHE A 94 28.78 19.00 3.59
C PHE A 94 29.46 20.17 4.31
N GLU A 95 30.34 19.85 5.25
CA GLU A 95 31.10 20.89 6.00
C GLU A 95 32.02 21.81 5.13
N ASP A 96 32.34 21.39 3.90
CA ASP A 96 33.13 22.23 2.99
C ASP A 96 32.23 23.07 2.05
N GLY A 97 30.95 23.20 2.39
CA GLY A 97 30.06 24.03 1.59
C GLY A 97 29.35 23.36 0.43
N ALA A 98 29.69 22.11 0.12
CA ALA A 98 29.00 21.42 -0.95
C ALA A 98 27.55 21.10 -0.52
N VAL A 99 26.62 21.10 -1.45
CA VAL A 99 25.21 20.95 -1.13
C VAL A 99 24.59 20.02 -2.13
N CYS A 100 23.88 19.02 -1.63
CA CYS A 100 23.09 18.16 -2.51
C CYS A 100 21.63 18.13 -2.09
N ILE A 101 20.78 17.81 -3.07
CA ILE A 101 19.38 17.52 -2.90
C ILE A 101 19.10 16.22 -3.64
N CYS A 102 18.37 15.32 -2.99
N CYS A 102 18.38 15.32 -2.98
CA CYS A 102 17.81 14.18 -3.69
CA CYS A 102 17.79 14.19 -3.66
C CYS A 102 16.35 13.95 -3.33
C CYS A 102 16.30 14.09 -3.36
N ASN A 103 15.59 13.51 -4.33
CA ASN A 103 14.17 13.25 -4.28
C ASN A 103 14.06 11.78 -4.72
N ALA A 104 13.38 10.91 -3.97
CA ALA A 104 12.98 9.63 -4.52
C ALA A 104 11.50 9.33 -4.38
N ASP A 105 10.99 8.50 -5.30
CA ASP A 105 9.66 7.89 -5.29
C ASP A 105 9.81 6.35 -5.26
N ILE A 106 9.25 5.75 -4.20
CA ILE A 106 9.25 4.30 -3.93
C ILE A 106 7.84 3.70 -4.16
N THR A 107 7.77 2.61 -4.92
CA THR A 107 6.49 1.98 -5.22
C THR A 107 6.64 0.47 -5.42
N VAL A 108 5.60 -0.27 -5.04
CA VAL A 108 5.58 -1.75 -5.15
C VAL A 108 4.72 -2.22 -6.31
N SER A 109 5.26 -3.17 -7.09
CA SER A 109 4.43 -4.01 -7.96
C SER A 109 4.19 -5.32 -7.25
N VAL A 110 2.95 -5.55 -6.79
CA VAL A 110 2.64 -6.76 -6.01
C VAL A 110 2.76 -7.98 -6.91
N GLU A 111 2.23 -7.87 -8.12
CA GLU A 111 2.29 -8.92 -9.13
C GLU A 111 3.72 -9.39 -9.45
N GLU A 112 4.66 -8.44 -9.53
CA GLU A 112 6.04 -8.81 -9.75
C GLU A 112 6.83 -8.99 -8.49
N ASN A 113 6.26 -8.71 -7.33
CA ASN A 113 7.01 -8.76 -6.05
C ASN A 113 8.29 -7.90 -6.11
N CYS A 114 8.19 -6.76 -6.78
CA CYS A 114 9.31 -5.91 -7.06
C CYS A 114 9.06 -4.48 -6.54
N MET A 115 10.07 -3.92 -5.89
CA MET A 115 10.05 -2.51 -5.49
C MET A 115 10.73 -1.62 -6.55
N TYR A 116 10.06 -0.58 -6.99
CA TYR A 116 10.63 0.37 -7.96
C TYR A 116 11.00 1.66 -7.26
N HIS A 117 12.12 2.23 -7.73
CA HIS A 117 12.80 3.36 -7.08
C HIS A 117 13.27 4.28 -8.20
N GLU A 118 12.67 5.46 -8.27
CA GLU A 118 13.00 6.52 -9.23
C GLU A 118 13.54 7.73 -8.42
N SER A 119 14.80 8.15 -8.68
CA SER A 119 15.38 9.29 -7.98
C SER A 119 16.08 10.34 -8.87
N LYS A 120 16.32 11.51 -8.26
CA LYS A 120 16.96 12.65 -8.88
C LYS A 120 17.99 13.04 -7.88
N PHE A 121 19.23 13.24 -8.32
CA PHE A 121 20.32 13.67 -7.42
C PHE A 121 21.05 14.90 -8.00
N TYR A 122 21.09 15.99 -7.23
CA TYR A 122 21.73 17.21 -7.66
C TYR A 122 22.73 17.65 -6.66
N GLY A 123 23.95 17.96 -7.11
CA GLY A 123 24.99 18.42 -6.19
C GLY A 123 25.76 19.58 -6.79
N VAL A 124 26.05 20.58 -5.97
CA VAL A 124 26.73 21.77 -6.41
C VAL A 124 27.79 22.09 -5.37
N ASN A 125 28.87 22.70 -5.85
CA ASN A 125 29.90 23.27 -4.99
C ASN A 125 30.86 22.26 -4.33
N PHE A 126 31.09 21.12 -4.95
CA PHE A 126 32.08 20.20 -4.40
C PHE A 126 33.41 20.81 -4.84
N PRO A 127 34.33 21.03 -3.91
CA PRO A 127 35.60 21.60 -4.38
C PRO A 127 36.30 20.62 -5.35
N ALA A 128 36.78 21.15 -6.48
CA ALA A 128 37.45 20.33 -7.50
C ALA A 128 38.62 19.54 -6.94
N ASP A 129 39.28 20.08 -5.93
CA ASP A 129 40.41 19.43 -5.29
C ASP A 129 40.04 18.64 -4.04
N GLY A 130 38.76 18.48 -3.72
CA GLY A 130 38.33 17.80 -2.52
C GLY A 130 38.25 16.30 -2.75
N PRO A 131 38.19 15.50 -1.67
CA PRO A 131 38.11 14.02 -1.76
C PRO A 131 36.92 13.49 -2.54
N VAL A 132 35.85 14.26 -2.65
CA VAL A 132 34.73 13.77 -3.48
C VAL A 132 35.03 13.83 -4.99
N MET A 133 35.48 14.98 -5.45
CA MET A 133 35.76 15.16 -6.84
C MET A 133 37.05 14.44 -7.22
N LYS A 134 37.94 14.22 -6.25
CA LYS A 134 39.16 13.43 -6.48
C LYS A 134 38.96 11.93 -6.26
N LYS A 135 37.77 11.52 -5.79
CA LYS A 135 37.45 10.11 -5.58
C LYS A 135 38.41 9.47 -4.59
N MET A 136 38.62 10.14 -3.46
CA MET A 136 39.45 9.67 -2.35
C MET A 136 38.62 9.35 -1.09
N THR A 137 37.39 8.89 -1.30
CA THR A 137 36.54 8.52 -0.17
C THR A 137 36.47 7.02 0.04
N ASP A 138 36.03 6.64 1.21
CA ASP A 138 36.12 5.26 1.56
C ASP A 138 34.94 4.84 2.43
N ASN A 139 33.72 5.02 1.93
CA ASN A 139 32.52 4.68 2.69
C ASN A 139 32.09 5.61 3.87
N TRP A 140 30.79 5.55 4.20
CA TRP A 140 30.25 6.26 5.34
C TRP A 140 30.42 5.46 6.64
N GLU A 141 30.62 6.15 7.76
CA GLU A 141 30.62 5.51 9.05
C GLU A 141 29.16 5.17 9.43
N PRO A 142 28.93 4.03 10.14
CA PRO A 142 27.56 3.74 10.57
C PRO A 142 26.96 4.87 11.43
N SER A 143 25.64 5.01 11.37
CA SER A 143 24.98 6.17 11.93
C SER A 143 23.75 5.81 12.74
N CYS A 144 23.25 6.83 13.43
CA CYS A 144 21.98 6.78 14.13
C CYS A 144 21.14 7.98 13.69
N GLU A 145 20.09 7.73 12.93
CA GLU A 145 19.21 8.78 12.45
C GLU A 145 17.99 8.91 13.39
N LYS A 146 17.64 10.13 13.79
CA LYS A 146 16.40 10.36 14.54
C LYS A 146 15.25 10.62 13.53
N ILE A 147 14.15 9.86 13.70
CA ILE A 147 12.94 9.98 12.92
C ILE A 147 11.90 10.70 13.78
N ILE A 148 11.35 11.80 13.26
CA ILE A 148 10.48 12.71 14.06
C ILE A 148 9.15 12.87 13.34
N PRO A 149 8.02 12.54 14.01
CA PRO A 149 6.70 12.69 13.36
C PRO A 149 6.30 14.14 13.26
N VAL A 150 5.65 14.54 12.17
CA VAL A 150 5.08 15.91 12.14
C VAL A 150 3.55 15.73 12.20
N PRO A 151 2.97 15.73 13.40
CA PRO A 151 1.58 15.15 13.49
C PRO A 151 0.47 15.95 12.75
N LYS A 152 0.60 17.27 12.65
CA LYS A 152 -0.40 18.01 11.87
C LYS A 152 -0.38 17.61 10.37
N GLN A 153 0.69 16.95 9.93
CA GLN A 153 0.86 16.74 8.49
C GLN A 153 0.95 15.27 8.05
N GLY A 154 1.10 14.36 8.98
CA GLY A 154 1.19 12.96 8.61
C GLY A 154 2.43 12.65 7.80
N ILE A 155 3.52 13.43 8.02
CA ILE A 155 4.85 13.20 7.41
C ILE A 155 5.91 12.99 8.51
N LEU A 156 7.08 12.46 8.15
CA LEU A 156 8.19 12.32 9.10
C LEU A 156 9.40 13.18 8.68
N LYS A 157 10.21 13.59 9.65
CA LYS A 157 11.51 14.17 9.41
C LYS A 157 12.58 13.19 9.87
N GLY A 158 13.70 13.15 9.14
CA GLY A 158 14.88 12.46 9.59
C GLY A 158 16.03 13.43 9.70
N ASP A 159 16.90 13.14 10.63
CA ASP A 159 17.98 14.02 11.03
C ASP A 159 19.16 13.09 11.34
N VAL A 160 20.18 13.10 10.49
CA VAL A 160 21.36 12.28 10.78
C VAL A 160 22.63 13.04 10.43
N SER A 161 23.55 13.05 11.38
CA SER A 161 24.86 13.65 11.17
C SER A 161 25.84 12.59 10.66
N MET A 162 26.25 12.72 9.39
CA MET A 162 27.05 11.71 8.71
C MET A 162 28.54 12.02 8.59
N TYR A 163 29.35 10.95 8.49
CA TYR A 163 30.79 11.03 8.31
C TYR A 163 31.23 10.13 7.15
N LEU A 164 31.73 10.74 6.07
CA LEU A 164 32.28 10.00 4.95
C LEU A 164 33.79 9.81 5.27
N LEU A 165 34.21 8.55 5.48
CA LEU A 165 35.61 8.23 5.76
C LEU A 165 36.44 8.50 4.51
N LEU A 166 37.64 9.04 4.71
CA LEU A 166 38.51 9.40 3.57
C LEU A 166 39.65 8.38 3.46
N LYS A 167 40.01 8.00 2.25
CA LYS A 167 41.20 7.14 2.06
C LYS A 167 42.43 7.57 2.88
N ASP A 168 42.68 8.86 3.05
CA ASP A 168 43.89 9.28 3.80
C ASP A 168 43.79 9.24 5.34
N GLY A 169 42.72 8.64 5.90
CA GLY A 169 42.51 8.63 7.35
C GLY A 169 41.58 9.73 7.86
N GLY A 170 41.32 10.74 7.06
CA GLY A 170 40.35 11.77 7.46
C GLY A 170 38.85 11.39 7.47
N ARG A 171 38.02 12.37 7.81
CA ARG A 171 36.57 12.23 7.80
C ARG A 171 35.93 13.52 7.35
N LEU A 172 34.94 13.43 6.46
CA LEU A 172 34.27 14.59 5.96
C LEU A 172 32.82 14.61 6.51
N ARG A 173 32.44 15.65 7.25
CA ARG A 173 31.10 15.71 7.83
C ARG A 173 30.06 16.12 6.81
N CYS A 174 28.89 15.49 6.91
CA CYS A 174 27.73 15.84 6.12
C CYS A 174 26.45 15.75 6.95
N GLN A 175 25.62 16.80 6.90
CA GLN A 175 24.36 16.85 7.60
C GLN A 175 23.22 16.42 6.66
N PHE A 176 22.51 15.33 6.99
CA PHE A 176 21.31 14.88 6.21
C PHE A 176 20.04 15.36 6.89
N ASP A 177 19.17 16.06 6.18
CA ASP A 177 17.84 16.41 6.70
C ASP A 177 16.83 15.92 5.70
N THR A 178 15.91 15.05 6.13
CA THR A 178 14.97 14.42 5.20
C THR A 178 13.51 14.67 5.57
N VAL A 179 12.65 14.64 4.56
CA VAL A 179 11.22 14.67 4.76
C VAL A 179 10.70 13.42 4.08
N TYR A 180 10.00 12.59 4.83
CA TYR A 180 9.40 11.34 4.31
C TYR A 180 7.87 11.51 4.23
N LYS A 181 7.30 11.29 3.05
CA LYS A 181 5.87 11.49 2.81
C LYS A 181 5.22 10.24 2.18
N ALA A 182 4.37 9.54 2.94
CA ALA A 182 3.51 8.48 2.37
C ALA A 182 2.57 9.13 1.38
N LYS A 183 2.28 8.47 0.27
CA LYS A 183 1.37 9.01 -0.76
C LYS A 183 -0.05 9.23 -0.22
N SER A 184 -0.47 8.42 0.76
CA SER A 184 -1.63 8.77 1.60
C SER A 184 -1.15 9.05 3.00
N VAL A 185 -1.47 10.21 3.52
CA VAL A 185 -1.19 10.56 4.90
C VAL A 185 -1.94 9.66 5.88
N PRO A 186 -1.22 8.88 6.67
CA PRO A 186 -1.88 7.89 7.54
C PRO A 186 -2.48 8.47 8.82
N ARG A 187 -3.53 7.81 9.33
CA ARG A 187 -4.01 8.10 10.68
C ARG A 187 -3.05 7.50 11.71
N LYS A 188 -2.44 6.35 11.42
CA LYS A 188 -1.43 5.77 12.35
C LYS A 188 -0.03 6.35 12.13
N MET A 189 0.49 7.01 13.16
CA MET A 189 1.77 7.65 13.15
C MET A 189 2.68 7.11 14.27
N PRO A 190 3.99 7.01 14.01
CA PRO A 190 4.90 6.63 15.09
C PRO A 190 5.23 7.79 15.98
N ASP A 191 5.73 7.46 17.16
CA ASP A 191 6.42 8.42 18.00
C ASP A 191 7.85 8.54 17.42
N TRP A 192 8.57 9.58 17.82
CA TRP A 192 9.97 9.67 17.43
C TRP A 192 10.70 8.38 17.80
N HIS A 193 11.65 7.97 16.97
CA HIS A 193 12.47 6.78 17.20
C HIS A 193 13.79 6.99 16.46
N PHE A 194 14.69 6.03 16.58
CA PHE A 194 15.97 6.03 15.88
C PHE A 194 15.95 4.99 14.81
N ILE A 195 16.72 5.22 13.75
CA ILE A 195 17.04 4.13 12.83
C ILE A 195 18.55 4.15 12.69
N GLN A 196 19.19 3.01 13.00
CA GLN A 196 20.64 2.89 12.83
C GLN A 196 20.93 2.26 11.49
N HIS A 197 21.98 2.74 10.80
CA HIS A 197 22.33 2.24 9.47
C HIS A 197 23.78 1.84 9.34
N LYS A 198 24.02 0.86 8.48
CA LYS A 198 25.38 0.43 8.13
C LYS A 198 25.40 0.11 6.66
N LEU A 199 26.23 0.84 5.92
CA LEU A 199 26.45 0.64 4.50
C LEU A 199 27.74 -0.12 4.19
N THR A 200 27.74 -0.87 3.10
CA THR A 200 28.97 -1.25 2.46
C THR A 200 28.91 -0.93 0.98
N ARG A 201 30.06 -0.65 0.40
CA ARG A 201 30.11 -0.22 -0.99
C ARG A 201 31.41 -0.79 -1.55
N GLU A 202 31.32 -1.44 -2.71
CA GLU A 202 32.47 -1.99 -3.38
C GLU A 202 32.36 -1.73 -4.85
N ASP A 203 33.36 -1.06 -5.39
CA ASP A 203 33.42 -0.82 -6.84
C ASP A 203 33.65 -2.16 -7.58
N ARG A 204 32.94 -2.38 -8.69
CA ARG A 204 33.10 -3.59 -9.48
C ARG A 204 33.17 -3.20 -10.95
N SER A 205 33.85 -2.09 -11.22
CA SER A 205 33.90 -1.50 -12.55
C SER A 205 34.81 -2.34 -13.50
N ASP A 206 34.41 -2.44 -14.77
CA ASP A 206 35.24 -3.08 -15.79
C ASP A 206 35.53 -2.12 -16.96
N ALA A 207 35.76 -2.66 -18.15
CA ALA A 207 36.12 -1.85 -19.32
C ALA A 207 34.88 -1.32 -20.03
N LYS A 208 33.81 -2.10 -19.97
CA LYS A 208 32.51 -1.71 -20.53
C LYS A 208 31.76 -0.65 -19.70
N ASN A 209 31.82 -0.76 -18.37
CA ASN A 209 30.89 -0.03 -17.52
C ASN A 209 31.43 0.30 -16.16
N GLN A 210 30.97 1.43 -15.63
CA GLN A 210 31.20 1.72 -14.23
C GLN A 210 30.07 1.05 -13.49
N LYS A 211 30.41 0.20 -12.52
CA LYS A 211 29.48 -0.63 -11.82
C LYS A 211 29.94 -0.76 -10.39
N TRP A 212 28.97 -0.85 -9.47
CA TRP A 212 29.30 -1.15 -8.09
C TRP A 212 28.21 -1.86 -7.30
N HIS A 213 28.61 -2.40 -6.16
CA HIS A 213 27.69 -3.12 -5.31
C HIS A 213 27.53 -2.38 -3.98
N LEU A 214 26.28 -2.14 -3.58
CA LEU A 214 25.93 -1.39 -2.35
C LEU A 214 25.11 -2.30 -1.42
N THR A 215 25.39 -2.33 -0.13
CA THR A 215 24.44 -2.92 0.79
C THR A 215 24.03 -1.94 1.93
N GLU A 216 22.81 -2.13 2.45
CA GLU A 216 22.43 -1.49 3.71
C GLU A 216 21.82 -2.46 4.70
N HIS A 217 22.17 -2.28 5.96
CA HIS A 217 21.47 -2.92 7.06
C HIS A 217 20.94 -1.79 7.95
N ALA A 218 19.63 -1.76 8.24
CA ALA A 218 19.01 -0.69 9.09
C ALA A 218 18.05 -1.25 10.10
N ILE A 219 18.12 -0.76 11.33
CA ILE A 219 17.25 -1.26 12.41
C ILE A 219 16.69 -0.07 13.21
N ALA A 220 15.36 -0.02 13.34
CA ALA A 220 14.65 1.02 14.11
C ALA A 220 14.55 0.68 15.60
N SER A 221 14.61 1.67 16.50
CA SER A 221 14.42 1.39 17.92
C SER A 221 14.06 2.67 18.65
N GLY A 222 13.58 2.54 19.89
CA GLY A 222 13.31 3.66 20.76
C GLY A 222 14.49 4.02 21.65
N SER A 223 14.34 5.05 22.44
CA SER A 223 15.36 5.44 23.36
C SER A 223 15.75 4.23 24.24
N ALA A 224 17.04 4.11 24.55
CA ALA A 224 17.55 3.11 25.47
C ALA A 224 17.29 3.51 26.92
N LEU A 225 16.80 4.71 27.19
CA LEU A 225 16.57 5.08 28.58
C LEU A 225 15.10 4.83 28.96
N PRO A 226 14.86 4.21 30.12
CA PRO A 226 13.46 3.92 30.48
C PRO A 226 12.68 5.16 30.99
N SER B 1 -5.51 11.47 -12.55
CA SER B 1 -5.29 10.41 -11.50
C SER B 1 -5.16 11.02 -10.07
N LYS B 2 -6.27 11.61 -9.62
CA LYS B 2 -6.42 12.03 -8.23
C LYS B 2 -6.58 10.75 -7.35
N HIS B 3 -5.86 10.70 -6.22
CA HIS B 3 -5.97 9.66 -5.19
C HIS B 3 -5.50 8.28 -5.66
N GLY B 4 -4.72 8.27 -6.73
CA GLY B 4 -4.16 7.05 -7.25
C GLY B 4 -5.15 6.28 -8.11
N LEU B 5 -6.24 6.93 -8.47
CA LEU B 5 -7.33 6.27 -9.17
C LEU B 5 -7.41 6.64 -10.64
N THR B 6 -7.77 5.70 -11.50
CA THR B 6 -8.11 6.04 -12.88
C THR B 6 -9.56 5.64 -13.17
N LYS B 7 -10.06 5.99 -14.35
CA LYS B 7 -11.43 5.70 -14.76
C LYS B 7 -11.74 4.24 -14.97
N GLU B 8 -10.74 3.45 -15.35
CA GLU B 8 -10.91 2.03 -15.49
C GLU B 8 -9.77 1.33 -14.78
N MET B 9 -10.08 0.46 -13.81
CA MET B 9 -9.02 -0.20 -13.01
C MET B 9 -9.24 -1.67 -13.00
N THR B 10 -8.21 -2.45 -12.70
CA THR B 10 -8.40 -3.86 -12.44
C THR B 10 -8.38 -4.13 -10.91
N MET B 11 -8.77 -5.35 -10.53
CA MET B 11 -8.89 -5.74 -9.13
C MET B 11 -8.45 -7.15 -8.95
N LYS B 12 -7.81 -7.45 -7.82
CA LYS B 12 -7.46 -8.80 -7.46
C LYS B 12 -7.99 -9.07 -6.06
N TYR B 13 -8.36 -10.32 -5.78
CA TYR B 13 -9.03 -10.68 -4.51
C TYR B 13 -8.43 -11.92 -3.92
N ARG B 14 -8.34 -11.93 -2.61
CA ARG B 14 -8.17 -13.19 -1.91
C ARG B 14 -9.10 -13.18 -0.70
N MET B 15 -9.87 -14.24 -0.57
CA MET B 15 -10.74 -14.45 0.59
C MET B 15 -10.41 -15.77 1.27
N GLU B 16 -10.29 -15.76 2.60
CA GLU B 16 -10.22 -16.96 3.38
C GLU B 16 -11.40 -16.94 4.29
N GLY B 17 -11.96 -18.11 4.56
CA GLY B 17 -13.17 -18.11 5.31
C GLY B 17 -13.55 -19.43 5.90
N CYS B 18 -14.61 -19.42 6.68
CA CYS B 18 -15.07 -20.61 7.33
C CYS B 18 -16.58 -20.44 7.58
N VAL B 19 -17.38 -21.29 6.94
CA VAL B 19 -18.84 -21.25 7.10
C VAL B 19 -19.34 -22.60 7.63
N ASP B 20 -20.07 -22.57 8.73
CA ASP B 20 -20.50 -23.83 9.40
C ASP B 20 -19.35 -24.87 9.52
N GLY B 21 -18.16 -24.43 9.85
CA GLY B 21 -17.03 -25.33 10.02
C GLY B 21 -16.27 -25.69 8.74
N HIS B 22 -16.79 -25.31 7.59
CA HIS B 22 -16.12 -25.60 6.33
C HIS B 22 -15.22 -24.43 5.87
N LYS B 23 -13.93 -24.71 5.77
CA LYS B 23 -12.91 -23.73 5.37
C LYS B 23 -12.77 -23.66 3.86
N PHE B 24 -12.27 -22.52 3.38
CA PHE B 24 -12.22 -22.27 1.96
C PHE B 24 -11.33 -21.09 1.71
N VAL B 25 -10.73 -21.04 0.52
CA VAL B 25 -10.00 -19.89 0.03
C VAL B 25 -10.52 -19.64 -1.37
N ILE B 26 -10.80 -18.38 -1.69
CA ILE B 26 -11.28 -17.98 -3.01
C ILE B 26 -10.36 -16.87 -3.52
N THR B 27 -9.96 -16.96 -4.78
CA THR B 27 -9.28 -15.85 -5.42
C THR B 27 -10.18 -15.25 -6.51
N GLY B 28 -9.88 -14.05 -6.98
CA GLY B 28 -10.71 -13.39 -7.97
C GLY B 28 -9.93 -12.34 -8.73
N GLU B 29 -10.50 -11.89 -9.84
CA GLU B 29 -9.95 -10.79 -10.61
C GLU B 29 -11.11 -10.03 -11.22
N GLY B 30 -10.99 -8.71 -11.35
CA GLY B 30 -12.09 -7.93 -11.89
C GLY B 30 -11.62 -6.72 -12.66
N ILE B 31 -12.60 -6.00 -13.25
CA ILE B 31 -12.42 -4.73 -13.95
C ILE B 31 -13.52 -3.83 -13.43
N GLY B 32 -13.22 -2.57 -13.15
CA GLY B 32 -14.26 -1.69 -12.65
C GLY B 32 -14.00 -0.26 -13.03
N TYR B 33 -15.04 0.55 -12.88
CA TYR B 33 -15.07 1.95 -13.19
C TYR B 33 -15.43 2.71 -11.94
N PRO B 34 -14.41 3.17 -11.18
CA PRO B 34 -14.66 3.85 -9.89
C PRO B 34 -15.67 5.00 -9.92
N PHE B 35 -15.67 5.81 -10.97
CA PHE B 35 -16.51 7.02 -11.02
C PHE B 35 -17.89 6.73 -11.52
N LYS B 36 -18.06 5.54 -12.12
CA LYS B 36 -19.36 5.06 -12.54
C LYS B 36 -20.06 4.18 -11.48
N GLY B 37 -19.32 3.79 -10.44
CA GLY B 37 -19.81 2.85 -9.46
C GLY B 37 -20.07 1.45 -9.97
N LYS B 38 -19.30 0.97 -10.95
CA LYS B 38 -19.58 -0.31 -11.61
C LYS B 38 -18.40 -1.22 -11.53
N GLN B 39 -18.63 -2.51 -11.36
CA GLN B 39 -17.50 -3.42 -11.25
C GLN B 39 -17.95 -4.82 -11.67
N ALA B 40 -17.04 -5.58 -12.24
CA ALA B 40 -17.34 -6.95 -12.61
C ALA B 40 -16.15 -7.80 -12.25
N ILE B 41 -16.41 -8.88 -11.54
CA ILE B 41 -15.33 -9.72 -11.09
C ILE B 41 -15.58 -11.20 -11.27
N ASN B 42 -14.49 -11.95 -11.32
CA ASN B 42 -14.58 -13.38 -11.51
C ASN B 42 -13.92 -14.11 -10.37
N LEU B 43 -14.68 -14.98 -9.73
CA LEU B 43 -14.20 -15.65 -8.53
C LEU B 43 -13.90 -17.09 -8.82
N CYS B 44 -12.86 -17.59 -8.16
CA CYS B 44 -12.51 -18.96 -8.34
C CYS B 44 -12.21 -19.63 -6.99
N VAL B 45 -12.85 -20.75 -6.69
CA VAL B 45 -12.60 -21.42 -5.41
C VAL B 45 -11.34 -22.24 -5.50
N VAL B 46 -10.30 -21.85 -4.77
CA VAL B 46 -9.03 -22.59 -4.83
C VAL B 46 -8.81 -23.63 -3.72
N GLU B 47 -9.49 -23.50 -2.58
CA GLU B 47 -9.48 -24.55 -1.57
C GLU B 47 -10.87 -24.65 -0.98
N GLY B 48 -11.25 -25.89 -0.65
CA GLY B 48 -12.51 -26.21 -0.01
C GLY B 48 -13.71 -26.16 -0.94
N GLY B 49 -13.47 -26.19 -2.26
CA GLY B 49 -14.56 -26.33 -3.24
C GLY B 49 -14.92 -27.81 -3.48
N PRO B 50 -16.15 -28.10 -3.96
CA PRO B 50 -17.23 -27.15 -4.18
C PRO B 50 -17.77 -26.70 -2.82
N LEU B 51 -18.19 -25.43 -2.75
CA LEU B 51 -18.73 -24.84 -1.52
C LEU B 51 -20.04 -25.53 -1.10
N PRO B 52 -20.19 -25.86 0.19
CA PRO B 52 -21.44 -26.45 0.69
C PRO B 52 -22.57 -25.43 0.92
N PHE B 53 -22.36 -24.16 0.55
CA PHE B 53 -23.30 -23.06 0.84
C PHE B 53 -23.43 -22.21 -0.42
N ALA B 54 -24.53 -21.45 -0.50
CA ALA B 54 -24.81 -20.55 -1.59
C ALA B 54 -23.74 -19.47 -1.78
N GLU B 55 -23.38 -19.25 -3.05
CA GLU B 55 -22.36 -18.29 -3.43
C GLU B 55 -22.79 -16.89 -3.00
N ASP B 56 -24.10 -16.68 -3.06
CA ASP B 56 -24.76 -15.39 -2.76
C ASP B 56 -24.35 -14.84 -1.41
N ILE B 57 -24.08 -15.69 -0.41
CA ILE B 57 -23.78 -15.11 0.90
C ILE B 57 -22.48 -14.27 0.88
N LEU B 58 -21.57 -14.54 -0.08
CA LEU B 58 -20.26 -13.87 -0.15
C LEU B 58 -20.27 -12.65 -1.06
N SER B 59 -21.41 -12.40 -1.72
CA SER B 59 -21.48 -11.37 -2.73
C SER B 59 -21.09 -9.99 -2.19
N ALA B 60 -21.67 -9.58 -1.07
CA ALA B 60 -21.34 -8.28 -0.51
C ALA B 60 -19.98 -8.26 0.23
N ALA B 61 -19.35 -9.40 0.48
CA ALA B 61 -17.96 -9.38 1.01
C ALA B 61 -16.96 -8.96 -0.09
N PHE B 62 -17.15 -9.45 -1.33
CA PHE B 62 -16.37 -9.01 -2.49
C PHE B 62 -16.75 -7.64 -2.97
N ASN B 64 -16.31 -3.10 -1.91
CA ASN B 64 -15.36 -2.00 -2.21
C ASN B 64 -16.12 -0.76 -2.60
N ARG B 65 -16.35 0.10 -1.60
CA ARG B 65 -17.10 1.32 -1.79
C ARG B 65 -16.38 2.36 -2.67
N VAL B 66 -15.14 2.11 -3.03
CA VAL B 66 -14.50 2.92 -4.06
C VAL B 66 -15.25 2.89 -5.39
N PHE B 67 -15.91 1.77 -5.69
CA PHE B 67 -16.84 1.67 -6.81
C PHE B 67 -18.25 2.17 -6.45
N THR B 68 -18.32 3.46 -6.19
CA THR B 68 -19.62 4.10 -5.93
C THR B 68 -19.61 5.38 -6.70
N GLU B 69 -20.69 5.68 -7.41
CA GLU B 69 -20.75 6.94 -8.10
C GLU B 69 -21.24 7.95 -7.10
N TYR B 70 -20.40 8.96 -6.83
CA TYR B 70 -20.69 10.03 -5.91
C TYR B 70 -20.98 11.36 -6.62
N PRO B 71 -22.10 11.98 -6.30
CA PRO B 71 -22.29 13.38 -6.68
C PRO B 71 -21.24 14.27 -6.06
N GLN B 72 -20.93 15.40 -6.70
CA GLN B 72 -19.84 16.25 -6.26
C GLN B 72 -20.25 16.99 -5.02
N ASP B 73 -21.56 17.20 -4.89
CA ASP B 73 -22.11 17.68 -3.65
C ASP B 73 -22.10 16.75 -2.44
N ILE B 74 -21.64 15.51 -2.59
CA ILE B 74 -21.40 14.69 -1.38
C ILE B 74 -19.94 14.25 -1.23
N VAL B 75 -19.35 14.44 -0.06
CA VAL B 75 -17.95 14.03 0.16
C VAL B 75 -17.77 12.50 -0.03
N ASP B 76 -16.82 12.13 -0.91
CA ASP B 76 -16.48 10.74 -1.21
C ASP B 76 -15.34 10.25 -0.27
N TYR B 77 -15.76 9.77 0.90
CA TYR B 77 -14.86 9.34 1.96
C TYR B 77 -13.96 8.20 1.44
N PHE B 78 -14.47 7.44 0.49
CA PHE B 78 -13.81 6.25 0.01
C PHE B 78 -12.69 6.53 -0.96
N LYS B 79 -12.98 7.26 -2.04
CA LYS B 79 -11.93 7.74 -2.96
C LYS B 79 -10.91 8.64 -2.24
N ASN B 80 -11.34 9.48 -1.29
CA ASN B 80 -10.39 10.29 -0.52
C ASN B 80 -9.34 9.49 0.24
N SER B 81 -9.65 8.27 0.70
CA SER B 81 -8.67 7.49 1.48
C SER B 81 -7.66 6.84 0.56
N CYS B 82 -7.87 6.99 -0.73
CA CYS B 82 -7.00 6.36 -1.72
C CYS B 82 -5.73 7.23 -1.96
N PRO B 83 -4.58 6.60 -2.31
CA PRO B 83 -4.50 5.17 -2.61
C PRO B 83 -4.32 4.23 -1.41
N ALA B 84 -4.18 4.72 -0.19
CA ALA B 84 -3.94 3.80 0.92
C ALA B 84 -5.16 2.87 1.01
N GLY B 85 -6.35 3.46 0.88
CA GLY B 85 -7.58 2.71 0.91
C GLY B 85 -8.29 2.80 2.26
N TYR B 86 -9.11 1.77 2.52
CA TYR B 86 -9.92 1.74 3.73
C TYR B 86 -10.12 0.28 4.10
N THR B 87 -10.42 0.02 5.38
CA THR B 87 -10.86 -1.28 5.85
C THR B 87 -12.31 -1.21 6.30
N TRP B 88 -12.94 -2.38 6.38
CA TRP B 88 -14.34 -2.45 6.80
C TRP B 88 -14.62 -3.72 7.56
N ASP B 89 -15.56 -3.60 8.51
CA ASP B 89 -16.05 -4.72 9.31
C ASP B 89 -17.57 -4.75 9.21
N ARG B 90 -18.14 -5.94 8.99
CA ARG B 90 -19.57 -6.08 8.81
C ARG B 90 -20.09 -7.33 9.55
N SER B 91 -21.23 -7.19 10.20
CA SER B 91 -22.00 -8.33 10.63
C SER B 91 -23.22 -8.50 9.70
N PHE B 92 -23.52 -9.76 9.41
CA PHE B 92 -24.69 -10.14 8.64
C PHE B 92 -25.54 -10.96 9.63
N LEU B 93 -26.69 -10.43 10.04
CA LEU B 93 -27.60 -11.11 10.91
C LEU B 93 -28.86 -11.60 10.14
N PHE B 94 -28.85 -12.88 9.76
CA PHE B 94 -29.99 -13.50 9.10
C PHE B 94 -31.18 -13.69 10.05
N GLU B 95 -32.39 -13.55 9.53
CA GLU B 95 -33.62 -13.72 10.37
C GLU B 95 -33.72 -15.14 11.01
N ASP B 96 -33.04 -16.13 10.42
CA ASP B 96 -33.08 -17.49 10.92
C ASP B 96 -31.98 -17.79 11.96
N GLY B 97 -31.33 -16.76 12.51
CA GLY B 97 -30.27 -16.97 13.52
C GLY B 97 -28.85 -17.14 12.98
N ALA B 98 -28.67 -17.36 11.69
CA ALA B 98 -27.30 -17.39 11.13
C ALA B 98 -26.65 -16.00 11.26
N VAL B 99 -25.34 -16.02 11.54
CA VAL B 99 -24.56 -14.84 11.79
C VAL B 99 -23.25 -14.98 11.01
N CYS B 100 -22.92 -13.95 10.22
CA CYS B 100 -21.58 -13.87 9.57
C CYS B 100 -20.87 -12.61 10.02
N ILE B 101 -19.55 -12.69 10.02
CA ILE B 101 -18.69 -11.53 10.13
C ILE B 101 -17.73 -11.50 8.94
N CYS B 102 -17.57 -10.35 8.31
N CYS B 102 -17.56 -10.34 8.33
CA CYS B 102 -16.50 -10.16 7.34
CA CYS B 102 -16.47 -10.16 7.41
C CYS B 102 -15.70 -8.89 7.58
C CYS B 102 -15.70 -8.91 7.77
N ASN B 103 -14.37 -9.05 7.59
CA ASN B 103 -13.36 -7.98 7.63
C ASN B 103 -12.71 -7.93 6.25
N ALA B 104 -12.49 -6.73 5.72
CA ALA B 104 -11.75 -6.60 4.47
C ALA B 104 -10.86 -5.37 4.44
N ASP B 105 -9.81 -5.47 3.63
CA ASP B 105 -8.86 -4.40 3.40
C ASP B 105 -8.79 -4.12 1.90
N ILE B 106 -8.97 -2.85 1.53
CA ILE B 106 -8.85 -2.38 0.16
C ILE B 106 -7.64 -1.45 0.07
N THR B 107 -6.81 -1.64 -0.96
CA THR B 107 -5.64 -0.78 -1.15
C THR B 107 -5.34 -0.63 -2.61
N VAL B 108 -4.78 0.52 -3.02
CA VAL B 108 -4.47 0.74 -4.45
C VAL B 108 -2.98 0.55 -4.70
N SER B 109 -2.65 -0.36 -5.60
CA SER B 109 -1.32 -0.41 -6.19
C SER B 109 -1.33 0.53 -7.39
N VAL B 110 -0.76 1.72 -7.22
CA VAL B 110 -0.77 2.75 -8.27
C VAL B 110 0.14 2.37 -9.46
N GLU B 111 1.19 1.61 -9.15
CA GLU B 111 2.12 1.08 -10.14
C GLU B 111 1.39 0.13 -11.09
N GLU B 112 0.43 -0.65 -10.58
CA GLU B 112 -0.31 -1.63 -11.40
C GLU B 112 -1.71 -1.16 -11.87
N ASN B 113 -2.09 0.05 -11.48
CA ASN B 113 -3.45 0.53 -11.69
C ASN B 113 -4.48 -0.52 -11.23
N CYS B 114 -4.20 -1.09 -10.06
CA CYS B 114 -4.93 -2.23 -9.58
C CYS B 114 -5.32 -2.06 -8.10
N MET B 115 -6.56 -2.43 -7.78
CA MET B 115 -7.01 -2.48 -6.40
C MET B 115 -6.87 -3.89 -5.83
N TYR B 116 -6.23 -4.00 -4.67
CA TYR B 116 -6.08 -5.25 -3.95
C TYR B 116 -7.10 -5.34 -2.79
N HIS B 117 -7.76 -6.50 -2.72
CA HIS B 117 -8.87 -6.75 -1.79
C HIS B 117 -8.58 -8.04 -1.05
N GLU B 118 -8.47 -7.94 0.26
CA GLU B 118 -8.11 -9.08 1.12
C GLU B 118 -9.22 -9.14 2.16
N SER B 119 -9.90 -10.29 2.28
CA SER B 119 -11.01 -10.43 3.22
C SER B 119 -11.01 -11.78 3.98
N LYS B 120 -11.59 -11.76 5.18
CA LYS B 120 -11.87 -12.95 6.00
C LYS B 120 -13.38 -13.06 6.15
N PHE B 121 -13.95 -14.25 5.94
CA PHE B 121 -15.41 -14.38 6.02
C PHE B 121 -15.80 -15.56 6.92
N TYR B 122 -16.48 -15.31 8.04
CA TYR B 122 -16.86 -16.38 9.00
C TYR B 122 -18.34 -16.43 9.16
N GLY B 123 -18.91 -17.63 9.16
CA GLY B 123 -20.36 -17.77 9.26
C GLY B 123 -20.70 -18.94 10.16
N VAL B 124 -21.72 -18.73 11.00
CA VAL B 124 -22.11 -19.77 11.94
C VAL B 124 -23.61 -19.91 11.93
N ASN B 125 -24.09 -21.10 12.26
CA ASN B 125 -25.52 -21.30 12.47
C ASN B 125 -26.46 -21.21 11.28
N PHE B 126 -25.95 -21.50 10.11
CA PHE B 126 -26.87 -21.68 8.98
C PHE B 126 -27.49 -23.07 9.18
N PRO B 127 -28.83 -23.14 9.18
CA PRO B 127 -29.50 -24.43 9.40
C PRO B 127 -29.17 -25.39 8.25
N ALA B 128 -28.78 -26.63 8.60
CA ALA B 128 -28.40 -27.64 7.57
C ALA B 128 -29.42 -27.75 6.45
N ASP B 129 -30.70 -27.65 6.81
CA ASP B 129 -31.79 -27.71 5.83
C ASP B 129 -32.34 -26.38 5.29
N GLY B 130 -31.67 -25.26 5.52
CA GLY B 130 -32.11 -23.96 5.01
C GLY B 130 -31.63 -23.70 3.59
N PRO B 131 -32.17 -22.67 2.94
CA PRO B 131 -31.81 -22.38 1.54
C PRO B 131 -30.33 -22.04 1.28
N VAL B 132 -29.61 -21.56 2.32
CA VAL B 132 -28.21 -21.25 2.13
C VAL B 132 -27.39 -22.53 2.01
N MET B 133 -27.58 -23.45 2.95
CA MET B 133 -26.85 -24.73 2.93
C MET B 133 -27.32 -25.68 1.82
N LYS B 134 -28.57 -25.50 1.38
CA LYS B 134 -29.18 -26.30 0.34
C LYS B 134 -28.98 -25.68 -1.06
N LYS B 135 -28.30 -24.52 -1.11
CA LYS B 135 -28.04 -23.75 -2.32
C LYS B 135 -29.29 -23.49 -3.13
N MET B 136 -30.28 -22.90 -2.49
CA MET B 136 -31.57 -22.63 -3.06
C MET B 136 -31.85 -21.13 -3.12
N THR B 137 -30.79 -20.35 -3.26
CA THR B 137 -30.94 -18.90 -3.27
C THR B 137 -30.78 -18.42 -4.68
N ASP B 138 -31.17 -17.19 -4.93
CA ASP B 138 -31.24 -16.65 -6.25
C ASP B 138 -30.97 -15.12 -6.31
N ASN B 139 -29.82 -14.66 -5.76
CA ASN B 139 -29.43 -13.23 -5.76
C ASN B 139 -30.16 -12.34 -4.73
N TRP B 140 -29.59 -11.18 -4.40
CA TRP B 140 -30.14 -10.23 -3.46
C TRP B 140 -30.98 -9.24 -4.21
N GLU B 141 -32.03 -8.75 -3.57
CA GLU B 141 -32.83 -7.70 -4.12
C GLU B 141 -32.04 -6.40 -4.00
N PRO B 142 -32.16 -5.48 -4.99
CA PRO B 142 -31.49 -4.19 -4.87
C PRO B 142 -31.92 -3.44 -3.62
N SER B 143 -31.03 -2.60 -3.08
CA SER B 143 -31.17 -2.11 -1.71
C SER B 143 -30.82 -0.63 -1.65
N CYS B 144 -31.16 -0.01 -0.51
CA CYS B 144 -30.75 1.32 -0.17
C CYS B 144 -30.04 1.27 1.20
N GLU B 145 -28.75 1.57 1.21
CA GLU B 145 -27.94 1.56 2.43
C GLU B 145 -27.80 2.98 2.99
N LYS B 146 -28.04 3.16 4.29
CA LYS B 146 -27.78 4.45 4.90
C LYS B 146 -26.31 4.52 5.39
N ILE B 147 -25.63 5.59 5.00
CA ILE B 147 -24.24 5.87 5.40
C ILE B 147 -24.25 7.01 6.39
N ILE B 148 -23.67 6.78 7.54
CA ILE B 148 -23.73 7.68 8.67
C ILE B 148 -22.33 8.07 9.17
N PRO B 149 -22.03 9.40 9.26
CA PRO B 149 -20.71 9.83 9.82
C PRO B 149 -20.67 9.62 11.32
N VAL B 150 -19.52 9.18 11.84
CA VAL B 150 -19.26 9.18 13.29
C VAL B 150 -18.18 10.26 13.46
N PRO B 151 -18.58 11.52 13.69
CA PRO B 151 -17.55 12.56 13.38
C PRO B 151 -16.42 12.75 14.44
N LYS B 152 -16.66 12.31 15.68
CA LYS B 152 -15.65 12.30 16.72
C LYS B 152 -14.50 11.32 16.35
N GLN B 153 -14.78 10.39 15.42
CA GLN B 153 -13.83 9.33 15.14
C GLN B 153 -13.29 9.33 13.72
N GLY B 154 -13.95 10.06 12.82
CA GLY B 154 -13.56 10.10 11.42
C GLY B 154 -13.83 8.81 10.66
N ILE B 155 -14.85 8.08 11.09
CA ILE B 155 -15.30 6.81 10.44
C ILE B 155 -16.77 6.92 10.04
N LEU B 156 -17.21 5.99 9.19
CA LEU B 156 -18.62 5.87 8.77
C LEU B 156 -19.25 4.57 9.26
N LYS B 157 -20.56 4.60 9.39
CA LYS B 157 -21.33 3.37 9.64
C LYS B 157 -22.27 3.16 8.46
N GLY B 158 -22.48 1.90 8.08
CA GLY B 158 -23.44 1.52 7.04
C GLY B 158 -24.52 0.67 7.65
N ASP B 159 -25.73 0.84 7.17
CA ASP B 159 -26.89 0.18 7.72
C ASP B 159 -27.81 -0.19 6.55
N VAL B 160 -27.94 -1.48 6.24
CA VAL B 160 -28.85 -1.90 5.16
C VAL B 160 -29.58 -3.18 5.50
N SER B 161 -30.89 -3.15 5.28
CA SER B 161 -31.74 -4.32 5.45
C SER B 161 -31.87 -5.04 4.10
N MET B 162 -31.42 -6.27 4.03
CA MET B 162 -31.22 -6.96 2.76
C MET B 162 -32.16 -8.16 2.65
N TYR B 163 -32.45 -8.55 1.42
CA TYR B 163 -33.33 -9.66 1.16
C TYR B 163 -32.68 -10.57 0.15
N LEU B 164 -32.40 -11.80 0.57
CA LEU B 164 -31.85 -12.79 -0.30
C LEU B 164 -33.02 -13.52 -0.96
N LEU B 165 -33.25 -13.28 -2.25
CA LEU B 165 -34.32 -13.98 -3.00
C LEU B 165 -34.09 -15.49 -3.10
N LEU B 166 -35.16 -16.26 -2.96
CA LEU B 166 -35.00 -17.73 -2.95
C LEU B 166 -35.53 -18.35 -4.25
N LYS B 167 -35.00 -19.52 -4.59
CA LYS B 167 -35.45 -20.17 -5.84
C LYS B 167 -36.96 -20.52 -5.82
N ASP B 168 -37.44 -20.93 -4.64
CA ASP B 168 -38.83 -21.30 -4.44
C ASP B 168 -39.79 -20.12 -4.47
N GLY B 169 -39.26 -18.90 -4.72
CA GLY B 169 -40.04 -17.63 -4.60
C GLY B 169 -40.06 -16.94 -3.24
N GLY B 170 -39.55 -17.54 -2.17
CA GLY B 170 -39.42 -16.81 -0.89
C GLY B 170 -38.31 -15.73 -0.85
N ARG B 171 -38.16 -15.11 0.31
CA ARG B 171 -37.09 -14.15 0.56
C ARG B 171 -36.54 -14.41 1.94
N LEU B 172 -35.24 -14.21 2.11
CA LEU B 172 -34.60 -14.41 3.39
C LEU B 172 -33.98 -13.06 3.80
N ARG B 173 -34.46 -12.49 4.91
CA ARG B 173 -33.92 -11.21 5.44
C ARG B 173 -32.56 -11.35 6.13
N CYS B 174 -31.73 -10.35 5.91
CA CYS B 174 -30.43 -10.27 6.55
C CYS B 174 -30.13 -8.81 6.81
N GLN B 175 -29.75 -8.50 8.04
CA GLN B 175 -29.46 -7.10 8.43
C GLN B 175 -27.94 -6.92 8.33
N PHE B 176 -27.47 -5.93 7.55
CA PHE B 176 -26.01 -5.63 7.44
C PHE B 176 -25.65 -4.43 8.31
N ASP B 177 -24.67 -4.59 9.22
CA ASP B 177 -24.13 -3.42 9.94
C ASP B 177 -22.65 -3.33 9.74
N THR B 178 -22.21 -2.19 9.22
CA THR B 178 -20.84 -2.02 8.73
C THR B 178 -20.13 -0.82 9.36
N VAL B 179 -18.85 -1.00 9.69
CA VAL B 179 -17.93 0.08 10.06
C VAL B 179 -16.89 0.27 8.92
N TYR B 180 -16.81 1.50 8.42
CA TYR B 180 -15.96 1.87 7.31
C TYR B 180 -14.84 2.79 7.85
N LYS B 181 -13.59 2.35 7.71
CA LYS B 181 -12.42 3.01 8.34
C LYS B 181 -11.33 3.38 7.32
N ALA B 182 -11.26 4.65 6.93
CA ALA B 182 -10.18 5.19 6.09
C ALA B 182 -8.82 4.95 6.72
N LYS B 183 -7.83 4.53 5.93
CA LYS B 183 -6.47 4.37 6.44
C LYS B 183 -5.73 5.68 6.40
N SER B 184 -6.37 6.71 5.85
CA SER B 184 -5.76 7.99 5.61
C SER B 184 -6.57 9.02 6.37
N VAL B 185 -5.95 10.08 6.88
CA VAL B 185 -6.70 11.14 7.60
C VAL B 185 -7.84 11.75 6.77
N PRO B 186 -9.11 11.61 7.23
CA PRO B 186 -10.15 12.36 6.46
C PRO B 186 -10.09 13.88 6.74
N ARG B 187 -9.81 14.68 5.72
CA ARG B 187 -9.84 16.15 5.80
C ARG B 187 -11.29 16.62 5.77
N LYS B 188 -12.10 15.94 4.97
CA LYS B 188 -13.53 16.18 4.98
C LYS B 188 -14.32 14.91 5.35
N MET B 189 -15.45 15.12 6.03
CA MET B 189 -16.42 14.07 6.34
C MET B 189 -17.73 14.35 5.63
N PRO B 190 -18.38 13.30 5.06
CA PRO B 190 -19.74 13.50 4.49
C PRO B 190 -20.81 13.66 5.57
N ASP B 191 -21.91 14.32 5.22
CA ASP B 191 -23.13 14.17 6.03
C ASP B 191 -23.73 12.83 5.67
N TRP B 192 -24.67 12.34 6.50
CA TRP B 192 -25.38 11.09 6.17
C TRP B 192 -25.91 11.12 4.73
N HIS B 193 -25.83 9.99 4.05
CA HIS B 193 -26.43 9.85 2.74
C HIS B 193 -26.85 8.38 2.52
N PHE B 194 -27.36 8.07 1.33
CA PHE B 194 -27.71 6.73 0.86
C PHE B 194 -26.75 6.22 -0.21
N ILE B 195 -26.52 4.92 -0.23
CA ILE B 195 -25.98 4.23 -1.38
C ILE B 195 -27.00 3.17 -1.80
N GLN B 196 -27.43 3.26 -3.05
CA GLN B 196 -28.26 2.22 -3.62
C GLN B 196 -27.41 1.25 -4.38
N HIS B 197 -27.72 -0.03 -4.25
CA HIS B 197 -26.85 -1.05 -4.84
C HIS B 197 -27.70 -2.05 -5.61
N LYS B 198 -27.10 -2.64 -6.63
CA LYS B 198 -27.75 -3.72 -7.37
C LYS B 198 -26.69 -4.71 -7.74
N LEU B 199 -26.90 -5.98 -7.41
CA LEU B 199 -25.95 -7.05 -7.77
C LEU B 199 -26.46 -7.98 -8.89
N THR B 200 -25.53 -8.54 -9.65
CA THR B 200 -25.83 -9.73 -10.41
C THR B 200 -24.84 -10.79 -10.08
N ARG B 201 -25.29 -12.02 -10.15
CA ARG B 201 -24.42 -13.13 -9.88
C ARG B 201 -24.77 -14.31 -10.79
N GLU B 202 -23.76 -14.88 -11.45
CA GLU B 202 -23.99 -15.99 -12.37
C GLU B 202 -22.93 -17.04 -12.17
N ASP B 203 -23.33 -18.24 -11.76
CA ASP B 203 -22.40 -19.36 -11.63
C ASP B 203 -21.82 -19.78 -13.00
N ARG B 204 -20.54 -20.12 -13.03
CA ARG B 204 -19.86 -20.49 -14.26
C ARG B 204 -18.93 -21.65 -13.96
N SER B 205 -19.41 -22.57 -13.14
CA SER B 205 -18.58 -23.66 -12.70
C SER B 205 -18.52 -24.70 -13.80
N ASP B 206 -17.42 -25.45 -13.81
CA ASP B 206 -17.18 -26.52 -14.79
C ASP B 206 -16.61 -27.71 -14.05
N ALA B 207 -15.91 -28.56 -14.79
CA ALA B 207 -15.30 -29.79 -14.28
C ALA B 207 -14.07 -29.52 -13.40
N LYS B 208 -13.26 -28.53 -13.78
CA LYS B 208 -12.03 -28.18 -13.01
C LYS B 208 -12.28 -27.33 -11.76
N ASN B 209 -13.17 -26.33 -11.85
CA ASN B 209 -13.37 -25.37 -10.75
C ASN B 209 -14.76 -24.89 -10.52
N GLN B 210 -15.02 -24.53 -9.27
CA GLN B 210 -16.16 -23.67 -8.94
C GLN B 210 -15.77 -22.23 -9.22
N LYS B 211 -16.57 -21.55 -10.03
CA LYS B 211 -16.26 -20.20 -10.49
C LYS B 211 -17.55 -19.43 -10.69
N TRP B 212 -17.53 -18.10 -10.55
CA TRP B 212 -18.72 -17.33 -10.83
C TRP B 212 -18.43 -15.90 -11.10
N HIS B 213 -19.40 -15.21 -11.69
CA HIS B 213 -19.25 -13.83 -12.12
C HIS B 213 -20.20 -12.97 -11.28
N LEU B 214 -19.66 -11.89 -10.72
CA LEU B 214 -20.40 -10.96 -9.86
C LEU B 214 -20.32 -9.55 -10.43
N THR B 215 -21.42 -8.80 -10.46
CA THR B 215 -21.33 -7.39 -10.77
C THR B 215 -22.05 -6.61 -9.69
N GLU B 216 -21.62 -5.36 -9.47
CA GLU B 216 -22.35 -4.44 -8.62
C GLU B 216 -22.45 -3.12 -9.35
N HIS B 217 -23.57 -2.45 -9.17
CA HIS B 217 -23.69 -1.09 -9.62
C HIS B 217 -24.17 -0.34 -8.39
N ALA B 218 -23.49 0.75 -8.02
CA ALA B 218 -23.84 1.51 -6.79
C ALA B 218 -23.76 3.01 -6.99
N ILE B 219 -24.72 3.73 -6.42
CA ILE B 219 -24.83 5.18 -6.57
C ILE B 219 -25.24 5.80 -5.23
N ALA B 220 -24.52 6.86 -4.83
CA ALA B 220 -24.79 7.64 -3.65
C ALA B 220 -25.79 8.79 -3.87
N SER B 221 -26.65 9.09 -2.90
CA SER B 221 -27.52 10.26 -3.01
C SER B 221 -27.88 10.78 -1.65
N GLY B 222 -28.35 12.02 -1.59
CA GLY B 222 -28.93 12.56 -0.34
C GLY B 222 -30.42 12.23 -0.29
N SER B 223 -31.07 12.68 0.77
CA SER B 223 -32.52 12.62 0.95
C SER B 223 -33.26 13.20 -0.25
N ALA B 224 -34.31 12.51 -0.70
CA ALA B 224 -35.13 13.02 -1.80
C ALA B 224 -36.08 14.13 -1.35
N LEU B 225 -36.15 14.44 -0.05
CA LEU B 225 -37.05 15.46 0.48
C LEU B 225 -36.32 16.79 0.65
N PRO B 226 -36.94 17.93 0.19
CA PRO B 226 -36.29 19.26 0.27
C PRO B 226 -36.10 19.70 1.73
#